data_8Z6Z
#
_entry.id   8Z6Z
#
_cell.length_a   96.120
_cell.length_b   96.120
_cell.length_c   199.020
_cell.angle_alpha   90.00
_cell.angle_beta   90.00
_cell.angle_gamma   120.00
#
_symmetry.space_group_name_H-M   'P 62 2 2'
#
loop_
_entity.id
_entity.type
_entity.pdbx_description
1 polymer 'alcohol dehydrogenase'
2 non-polymer NICOTINAMIDE-ADENINE-DINUCLEOTIDE
3 non-polymer 'ZINC ION'
4 water water
#
_entity_poly.entity_id   1
_entity_poly.type   'polypeptide(L)'
_entity_poly.pdbx_seq_one_letter_code
;HMRAVQYRTIGGEPEVVEVPTPEPGPGQVRLRVTAAGLCHSDSFVMGLPADQYTYGLPLTLGHEGAGVVDALGDGVTGVS
VGDAVAVYGPWGCGQCHACARGAENYCTRAAELGIQPPGLGSPGALAEYMLVDDVRHLVPLGDLDPVATVSLTDAGLTPY
HAIVSSLGALPPGGTAVVIGAGGLGHVAIQLLRAISGATVIALDISDEKLQLAKELGAHHVLRSDDDAAARIRELTGGVG
AAAVFDIVGAQATIDLARSVVAIGGVVQIVGIGGGTLPTGFFSTPMGAAVRAPYWGTRTELMEVLDLARAGAVHVEVERF
TLDQAPEAYRRLHAGTIRGRAVVVP
;
_entity_poly.pdbx_strand_id   A
#
loop_
_chem_comp.id
_chem_comp.type
_chem_comp.name
_chem_comp.formula
NAD non-polymer NICOTINAMIDE-ADENINE-DINUCLEOTIDE 'C21 H27 N7 O14 P2'
ZN non-polymer 'ZINC ION' 'Zn 2'
#
# COMPACT_ATOMS: atom_id res chain seq x y z
N HIS A 1 -9.30 -28.26 7.65
CA HIS A 1 -8.89 -28.40 6.21
C HIS A 1 -7.80 -27.35 5.80
N MET A 2 -7.84 -26.12 6.33
CA MET A 2 -6.70 -25.18 6.20
C MET A 2 -6.57 -24.13 7.32
N ARG A 3 -5.35 -23.64 7.51
CA ARG A 3 -5.05 -22.67 8.55
C ARG A 3 -5.12 -21.24 8.01
N ALA A 4 -5.60 -20.31 8.83
CA ALA A 4 -5.73 -18.90 8.41
C ALA A 4 -5.69 -17.94 9.60
N VAL A 5 -5.34 -16.68 9.33
CA VAL A 5 -5.35 -15.60 10.34
C VAL A 5 -6.60 -14.74 10.19
N GLN A 6 -7.45 -14.70 11.21
CA GLN A 6 -8.71 -13.95 11.11
C GLN A 6 -8.95 -12.94 12.22
N TYR A 7 -9.74 -11.93 11.89
CA TYR A 7 -10.29 -10.99 12.84
C TYR A 7 -11.67 -11.52 13.12
N ARG A 8 -11.95 -11.83 14.38
CA ARG A 8 -13.19 -12.54 14.74
C ARG A 8 -14.09 -11.84 15.73
N THR A 9 -13.51 -10.99 16.56
CA THR A 9 -14.24 -10.28 17.60
C THR A 9 -13.84 -8.83 17.55
N ILE A 10 -14.81 -7.92 17.56
CA ILE A 10 -14.49 -6.49 17.56
C ILE A 10 -13.57 -6.16 18.75
N GLY A 11 -12.54 -5.35 18.50
CA GLY A 11 -11.60 -4.94 19.53
C GLY A 11 -10.59 -6.01 19.93
N GLY A 12 -10.63 -7.17 19.27
CA GLY A 12 -9.78 -8.30 19.63
C GLY A 12 -8.63 -8.39 18.66
N GLU A 13 -7.67 -9.27 18.96
CA GLU A 13 -6.51 -9.42 18.11
C GLU A 13 -6.75 -10.47 17.05
N PRO A 14 -5.96 -10.44 15.96
CA PRO A 14 -6.08 -11.50 14.95
C PRO A 14 -5.62 -12.85 15.51
N GLU A 15 -6.29 -13.93 15.11
CA GLU A 15 -6.04 -15.26 15.66
C GLU A 15 -5.78 -16.25 14.52
N VAL A 16 -4.87 -17.20 14.77
CA VAL A 16 -4.68 -18.31 13.86
C VAL A 16 -5.76 -19.35 14.11
N VAL A 17 -6.53 -19.69 13.07
CA VAL A 17 -7.63 -20.63 13.22
C VAL A 17 -7.68 -21.61 12.07
N GLU A 18 -8.44 -22.69 12.26
CA GLU A 18 -8.61 -23.71 11.22
C GLU A 18 -9.96 -23.45 10.55
N VAL A 19 -9.97 -23.35 9.23
CA VAL A 19 -11.21 -23.15 8.47
C VAL A 19 -11.27 -24.10 7.27
N PRO A 20 -12.45 -24.19 6.64
CA PRO A 20 -12.57 -24.97 5.40
C PRO A 20 -11.67 -24.45 4.29
N THR A 21 -11.11 -25.36 3.51
CA THR A 21 -10.33 -25.00 2.35
C THR A 21 -11.30 -24.61 1.24
N PRO A 22 -11.23 -23.37 0.69
CA PRO A 22 -12.25 -23.02 -0.31
C PRO A 22 -12.03 -23.65 -1.69
N GLU A 23 -13.11 -23.74 -2.46
CA GLU A 23 -13.11 -24.32 -3.81
C GLU A 23 -13.46 -23.21 -4.80
N PRO A 24 -12.78 -23.15 -5.95
CA PRO A 24 -13.08 -22.06 -6.88
C PRO A 24 -14.42 -22.22 -7.59
N GLY A 25 -15.32 -21.25 -7.44
CA GLY A 25 -16.54 -21.17 -8.24
C GLY A 25 -16.20 -20.79 -9.67
N PRO A 26 -17.22 -20.71 -10.53
CA PRO A 26 -16.92 -20.36 -11.92
C PRO A 26 -16.35 -18.94 -12.05
N GLY A 27 -15.31 -18.79 -12.87
CA GLY A 27 -14.62 -17.51 -13.03
C GLY A 27 -13.43 -17.33 -12.10
N GLN A 28 -13.50 -18.03 -10.95
CA GLN A 28 -12.53 -17.84 -9.86
C GLN A 28 -11.30 -18.73 -9.97
N VAL A 29 -10.27 -18.38 -9.20
CA VAL A 29 -9.04 -19.14 -9.13
C VAL A 29 -8.65 -19.31 -7.66
N ARG A 30 -8.07 -20.45 -7.34
CA ARG A 30 -7.47 -20.63 -6.02
C ARG A 30 -5.95 -20.58 -6.10
N LEU A 31 -5.35 -19.79 -5.22
CA LEU A 31 -3.89 -19.76 -5.09
C LEU A 31 -3.44 -20.55 -3.86
N ARG A 32 -2.32 -21.27 -4.01
CA ARG A 32 -1.55 -21.74 -2.85
C ARG A 32 -0.66 -20.55 -2.47
N VAL A 33 -0.88 -19.98 -1.30
CA VAL A 33 -0.25 -18.71 -0.96
C VAL A 33 1.23 -18.86 -0.63
N THR A 34 2.08 -18.15 -1.37
CA THR A 34 3.53 -18.18 -1.16
C THR A 34 4.01 -17.04 -0.28
N ALA A 35 3.27 -15.93 -0.26
CA ALA A 35 3.63 -14.82 0.63
C ALA A 35 2.44 -13.90 0.88
N ALA A 36 2.44 -13.26 2.04
CA ALA A 36 1.35 -12.39 2.44
C ALA A 36 1.86 -11.25 3.31
N GLY A 37 1.73 -10.03 2.81
CA GLY A 37 2.23 -8.86 3.51
C GLY A 37 1.22 -8.34 4.52
N LEU A 38 1.74 -7.71 5.57
CA LEU A 38 0.92 -7.07 6.58
C LEU A 38 1.02 -5.56 6.39
N CYS A 39 -0.10 -4.87 6.52
CA CYS A 39 -0.19 -3.46 6.22
C CYS A 39 -0.80 -2.81 7.44
N HIS A 40 -0.44 -1.55 7.68
CA HIS A 40 -0.94 -0.82 8.84
C HIS A 40 -2.44 -0.50 8.64
N SER A 41 -2.91 -0.57 7.40
CA SER A 41 -4.34 -0.46 7.13
C SER A 41 -5.12 -1.51 7.90
N ASP A 42 -4.52 -2.67 8.12
CA ASP A 42 -5.17 -3.74 8.88
C ASP A 42 -5.35 -3.31 10.32
N SER A 43 -4.33 -2.66 10.89
CA SER A 43 -4.42 -2.14 12.25
C SER A 43 -5.56 -1.14 12.31
N PHE A 44 -5.64 -0.25 11.31
CA PHE A 44 -6.76 0.71 11.23
C PHE A 44 -8.14 0.03 11.24
N VAL A 45 -8.31 -1.01 10.42
CA VAL A 45 -9.56 -1.77 10.37
C VAL A 45 -9.93 -2.40 11.72
N MET A 46 -8.96 -3.03 12.37
CA MET A 46 -9.21 -3.70 13.67
C MET A 46 -9.40 -2.72 14.82
N GLY A 47 -8.89 -1.50 14.64
CA GLY A 47 -9.10 -0.41 15.59
C GLY A 47 -10.42 0.32 15.45
N LEU A 48 -11.29 -0.14 14.54
CA LEU A 48 -12.59 0.49 14.34
C LEU A 48 -13.63 0.00 15.36
N PRO A 49 -14.43 0.94 15.93
CA PRO A 49 -15.66 0.60 16.67
C PRO A 49 -16.62 -0.29 15.87
N ALA A 50 -17.47 -1.03 16.57
CA ALA A 50 -18.42 -1.96 15.95
C ALA A 50 -19.35 -1.30 14.93
N ASP A 51 -19.81 -0.08 15.22
CA ASP A 51 -20.75 0.63 14.32
C ASP A 51 -20.12 1.04 12.97
N GLN A 52 -18.81 1.30 12.97
CA GLN A 52 -18.06 1.68 11.75
C GLN A 52 -17.44 0.51 10.97
N TYR A 53 -17.44 -0.70 11.53
CA TYR A 53 -16.81 -1.85 10.89
C TYR A 53 -17.81 -2.56 9.97
N THR A 54 -17.46 -2.70 8.69
CA THR A 54 -18.40 -3.13 7.67
C THR A 54 -18.00 -4.43 6.93
N TYR A 55 -16.94 -5.12 7.37
CA TYR A 55 -16.39 -6.25 6.60
C TYR A 55 -16.84 -7.63 7.05
N GLY A 56 -17.70 -7.69 8.07
CA GLY A 56 -18.22 -8.97 8.58
C GLY A 56 -17.20 -9.82 9.33
N LEU A 57 -17.71 -10.66 10.24
CA LEU A 57 -16.90 -11.54 11.09
C LEU A 57 -17.34 -12.99 10.92
N PRO A 58 -16.40 -13.93 10.76
CA PRO A 58 -14.98 -13.66 10.78
C PRO A 58 -14.45 -13.01 9.48
N LEU A 59 -13.23 -12.48 9.51
CA LEU A 59 -12.54 -12.03 8.31
C LEU A 59 -11.10 -12.53 8.27
N THR A 60 -10.76 -13.36 7.27
CA THR A 60 -9.36 -13.69 6.99
C THR A 60 -8.69 -12.41 6.52
N LEU A 61 -7.57 -12.05 7.12
CA LEU A 61 -6.89 -10.80 6.77
C LEU A 61 -5.92 -11.01 5.61
N GLY A 62 -5.34 -9.90 5.16
CA GLY A 62 -4.20 -9.93 4.21
C GLY A 62 -4.57 -9.53 2.79
N HIS A 63 -4.25 -8.28 2.43
CA HIS A 63 -4.57 -7.76 1.10
C HIS A 63 -3.34 -7.56 0.21
N GLU A 64 -2.19 -7.98 0.72
CA GLU A 64 -1.00 -8.11 -0.11
C GLU A 64 -0.78 -9.59 -0.32
N GLY A 65 -1.18 -10.11 -1.46
CA GLY A 65 -1.08 -11.56 -1.67
C GLY A 65 -0.28 -11.93 -2.90
N ALA A 66 0.50 -13.00 -2.79
CA ALA A 66 1.13 -13.65 -3.94
C ALA A 66 1.01 -15.17 -3.80
N GLY A 67 1.09 -15.89 -4.91
CA GLY A 67 0.95 -17.34 -4.84
C GLY A 67 1.25 -18.09 -6.12
N VAL A 68 0.92 -19.38 -6.07
CA VAL A 68 0.99 -20.28 -7.22
C VAL A 68 -0.43 -20.78 -7.47
N VAL A 69 -0.85 -20.78 -8.72
CA VAL A 69 -2.23 -21.13 -9.05
C VAL A 69 -2.46 -22.62 -8.77
N ASP A 70 -3.47 -22.89 -7.95
CA ASP A 70 -3.70 -24.22 -7.36
C ASP A 70 -4.83 -24.97 -8.07
N ALA A 71 -5.94 -24.29 -8.32
CA ALA A 71 -7.08 -24.93 -8.99
C ALA A 71 -7.86 -23.90 -9.78
N LEU A 72 -8.34 -24.30 -10.95
CA LEU A 72 -9.17 -23.43 -11.80
C LEU A 72 -10.67 -23.67 -11.61
N GLY A 73 -11.43 -22.58 -11.48
CA GLY A 73 -12.88 -22.64 -11.46
C GLY A 73 -13.44 -22.95 -12.84
N ASP A 74 -14.76 -23.14 -12.92
CA ASP A 74 -15.42 -23.48 -14.20
C ASP A 74 -15.22 -22.36 -15.21
N GLY A 75 -14.83 -22.74 -16.43
CA GLY A 75 -14.73 -21.81 -17.56
C GLY A 75 -13.57 -20.84 -17.54
N VAL A 76 -12.65 -21.00 -16.59
CA VAL A 76 -11.51 -20.11 -16.48
C VAL A 76 -10.46 -20.43 -17.56
N THR A 77 -10.07 -19.40 -18.31
CA THR A 77 -8.86 -19.43 -19.14
C THR A 77 -8.02 -18.19 -18.86
N GLY A 78 -6.78 -18.19 -19.35
CA GLY A 78 -5.85 -17.09 -19.13
C GLY A 78 -4.67 -17.50 -18.26
N VAL A 79 -4.95 -18.25 -17.20
CA VAL A 79 -3.92 -18.79 -16.31
C VAL A 79 -3.91 -20.32 -16.31
N SER A 80 -2.76 -20.88 -15.97
CA SER A 80 -2.59 -22.34 -15.85
C SER A 80 -2.20 -22.69 -14.42
N VAL A 81 -2.59 -23.89 -13.96
CA VAL A 81 -2.14 -24.40 -12.67
C VAL A 81 -0.62 -24.37 -12.66
N GLY A 82 -0.01 -23.79 -11.62
CA GLY A 82 1.44 -23.70 -11.56
C GLY A 82 2.00 -22.31 -11.82
N ASP A 83 1.20 -21.41 -12.42
CA ASP A 83 1.64 -20.02 -12.64
C ASP A 83 1.76 -19.27 -11.31
N ALA A 84 2.89 -18.56 -11.19
CA ALA A 84 3.16 -17.72 -10.04
C ALA A 84 2.58 -16.35 -10.31
N VAL A 85 1.78 -15.85 -9.36
CA VAL A 85 1.05 -14.62 -9.58
C VAL A 85 0.94 -13.75 -8.34
N ALA A 86 0.95 -12.43 -8.56
CA ALA A 86 0.59 -11.45 -7.56
C ALA A 86 -0.89 -11.13 -7.69
N VAL A 87 -1.50 -10.72 -6.58
CA VAL A 87 -2.92 -10.41 -6.56
C VAL A 87 -3.15 -8.91 -6.55
N TYR A 88 -3.87 -8.44 -7.56
CA TYR A 88 -4.30 -7.06 -7.65
C TYR A 88 -5.49 -6.94 -6.74
N GLY A 89 -5.40 -6.02 -5.79
CA GLY A 89 -6.33 -5.97 -4.67
C GLY A 89 -7.60 -5.13 -4.72
N PRO A 90 -7.54 -3.90 -5.27
CA PRO A 90 -8.71 -3.01 -5.17
C PRO A 90 -9.78 -3.31 -6.21
N TRP A 91 -10.49 -4.42 -6.00
CA TRP A 91 -11.37 -4.96 -7.00
C TRP A 91 -12.51 -4.02 -7.37
N GLY A 92 -12.90 -4.07 -8.64
CA GLY A 92 -14.03 -3.31 -9.13
C GLY A 92 -14.92 -4.12 -10.06
N CYS A 93 -15.92 -3.45 -10.61
CA CYS A 93 -16.95 -4.11 -11.43
C CYS A 93 -16.41 -4.62 -12.77
N GLY A 94 -15.38 -3.96 -13.30
CA GLY A 94 -14.75 -4.39 -14.55
C GLY A 94 -15.24 -3.65 -15.78
N GLN A 95 -16.35 -2.93 -15.65
CA GLN A 95 -17.09 -2.47 -16.83
C GLN A 95 -17.33 -0.96 -16.89
N CYS A 96 -17.27 -0.26 -15.76
CA CYS A 96 -17.51 1.18 -15.75
C CYS A 96 -16.35 1.94 -16.39
N HIS A 97 -16.52 3.26 -16.53
CA HIS A 97 -15.51 4.07 -17.23
C HIS A 97 -14.13 3.94 -16.57
N ALA A 98 -14.13 4.02 -15.25
CA ALA A 98 -12.90 3.89 -14.47
C ALA A 98 -12.29 2.48 -14.60
N CYS A 99 -13.08 1.45 -14.32
CA CYS A 99 -12.58 0.07 -14.44
C CYS A 99 -11.95 -0.21 -15.81
N ALA A 100 -12.51 0.38 -16.86
CA ALA A 100 -12.05 0.14 -18.23
C ALA A 100 -10.67 0.69 -18.54
N ARG A 101 -10.26 1.75 -17.83
CA ARG A 101 -8.86 2.23 -17.96
C ARG A 101 -7.91 1.50 -16.99
N GLY A 102 -8.43 0.48 -16.31
CA GLY A 102 -7.67 -0.32 -15.36
C GLY A 102 -7.75 0.18 -13.92
N ALA A 103 -8.43 1.31 -13.71
CA ALA A 103 -8.42 1.99 -12.42
C ALA A 103 -9.57 1.49 -11.58
N GLU A 104 -9.54 0.20 -11.29
CA GLU A 104 -10.58 -0.42 -10.50
C GLU A 104 -10.59 0.13 -9.08
N ASN A 105 -9.50 0.76 -8.67
CA ASN A 105 -9.47 1.44 -7.38
C ASN A 105 -10.46 2.58 -7.29
N TYR A 106 -10.84 3.14 -8.43
CA TYR A 106 -11.77 4.27 -8.45
C TYR A 106 -13.09 3.86 -9.12
N CYS A 107 -13.39 2.57 -9.04
CA CYS A 107 -14.63 2.02 -9.58
C CYS A 107 -15.85 2.69 -8.95
N THR A 108 -16.80 3.08 -9.79
CA THR A 108 -17.94 3.87 -9.36
C THR A 108 -19.17 3.02 -9.07
N ARG A 109 -19.02 1.70 -9.09
CA ARG A 109 -20.14 0.80 -8.77
C ARG A 109 -19.78 -0.30 -7.77
N ALA A 110 -18.66 -0.14 -7.08
CA ALA A 110 -18.15 -1.19 -6.20
C ALA A 110 -18.93 -1.24 -4.90
N ALA A 111 -19.15 -0.08 -4.29
CA ALA A 111 -19.91 -0.01 -3.05
C ALA A 111 -21.34 -0.52 -3.26
N GLU A 112 -22.00 0.01 -4.29
CA GLU A 112 -23.34 -0.41 -4.67
C GLU A 112 -23.45 -1.92 -4.88
N LEU A 113 -22.41 -2.54 -5.46
CA LEU A 113 -22.45 -3.97 -5.82
C LEU A 113 -21.85 -4.87 -4.76
N GLY A 114 -21.44 -4.29 -3.64
CA GLY A 114 -20.80 -5.03 -2.56
C GLY A 114 -19.47 -5.67 -2.91
N ILE A 115 -18.76 -5.16 -3.91
CA ILE A 115 -17.44 -5.69 -4.26
C ILE A 115 -16.41 -5.23 -3.22
N GLN A 116 -15.63 -6.18 -2.72
CA GLN A 116 -14.70 -5.94 -1.62
C GLN A 116 -13.33 -6.58 -1.85
N PRO A 117 -12.26 -5.84 -1.51
CA PRO A 117 -10.93 -6.41 -1.69
C PRO A 117 -10.67 -7.63 -0.80
N PRO A 118 -9.78 -8.53 -1.25
CA PRO A 118 -9.32 -9.61 -0.36
C PRO A 118 -8.69 -9.01 0.89
N GLY A 119 -9.08 -9.54 2.05
CA GLY A 119 -8.56 -9.04 3.32
C GLY A 119 -9.23 -7.75 3.80
N LEU A 120 -10.20 -7.26 3.03
CA LEU A 120 -10.94 -6.02 3.38
C LEU A 120 -12.42 -6.17 3.01
N GLY A 121 -12.94 -7.38 3.25
CA GLY A 121 -14.33 -7.74 2.96
C GLY A 121 -14.42 -9.14 2.36
N SER A 122 -13.61 -9.37 1.33
CA SER A 122 -13.47 -10.71 0.80
C SER A 122 -12.40 -11.44 1.62
N PRO A 123 -12.38 -12.77 1.55
CA PRO A 123 -11.32 -13.50 2.24
C PRO A 123 -9.90 -13.16 1.73
N GLY A 124 -9.00 -12.88 2.66
CA GLY A 124 -7.62 -12.45 2.35
C GLY A 124 -6.58 -13.54 2.10
N ALA A 125 -5.31 -13.11 2.11
CA ALA A 125 -4.15 -13.92 1.72
C ALA A 125 -3.41 -14.57 2.90
N LEU A 126 -3.61 -14.05 4.12
CA LEU A 126 -3.01 -14.66 5.32
C LEU A 126 -3.65 -16.01 5.64
N ALA A 127 -3.35 -16.99 4.78
CA ALA A 127 -3.93 -18.31 4.84
C ALA A 127 -3.13 -19.17 3.89
N GLU A 128 -3.33 -20.48 3.94
CA GLU A 128 -2.55 -21.40 3.09
C GLU A 128 -3.10 -21.36 1.67
N TYR A 129 -4.39 -21.04 1.54
CA TYR A 129 -5.02 -20.84 0.23
C TYR A 129 -5.94 -19.61 0.24
N MET A 130 -6.19 -19.06 -0.96
CA MET A 130 -7.12 -17.94 -1.11
C MET A 130 -7.79 -17.99 -2.48
N LEU A 131 -8.98 -17.40 -2.54
CA LEU A 131 -9.71 -17.27 -3.78
C LEU A 131 -9.60 -15.86 -4.34
N VAL A 132 -9.41 -15.77 -5.65
CA VAL A 132 -9.48 -14.52 -6.40
C VAL A 132 -10.70 -14.56 -7.32
N ASP A 133 -11.54 -13.52 -7.27
CA ASP A 133 -12.79 -13.44 -8.04
C ASP A 133 -12.64 -13.68 -9.56
N ASP A 134 -11.62 -13.09 -10.16
CA ASP A 134 -11.46 -13.14 -11.61
C ASP A 134 -10.01 -13.05 -12.05
N VAL A 135 -9.75 -13.61 -13.23
CA VAL A 135 -8.39 -13.75 -13.75
C VAL A 135 -7.68 -12.40 -13.99
N ARG A 136 -8.45 -11.35 -14.23
CA ARG A 136 -7.86 -10.02 -14.45
C ARG A 136 -7.28 -9.40 -13.18
N HIS A 137 -7.58 -9.99 -12.03
CA HIS A 137 -6.99 -9.53 -10.79
C HIS A 137 -5.73 -10.31 -10.41
N LEU A 138 -5.14 -11.01 -11.39
CA LEU A 138 -3.89 -11.73 -11.20
C LEU A 138 -2.82 -11.20 -12.14
N VAL A 139 -1.65 -10.92 -11.61
CA VAL A 139 -0.51 -10.53 -12.45
C VAL A 139 0.61 -11.58 -12.38
N PRO A 140 1.21 -11.95 -13.52
CA PRO A 140 2.34 -12.89 -13.49
C PRO A 140 3.56 -12.39 -12.71
N LEU A 141 4.20 -13.27 -11.95
CA LEU A 141 5.44 -12.92 -11.25
C LEU A 141 6.70 -13.22 -12.04
N GLY A 142 6.63 -14.16 -13.00
CA GLY A 142 7.81 -14.54 -13.77
C GLY A 142 8.72 -15.29 -12.83
N ASP A 143 9.98 -14.88 -12.71
CA ASP A 143 10.83 -15.44 -11.65
C ASP A 143 11.27 -14.38 -10.63
N LEU A 144 10.30 -13.55 -10.23
CA LEU A 144 10.44 -12.73 -9.04
C LEU A 144 10.13 -13.57 -7.82
N ASP A 145 10.92 -13.37 -6.78
CA ASP A 145 10.69 -13.98 -5.48
C ASP A 145 9.39 -13.44 -4.86
N PRO A 146 8.37 -14.32 -4.69
CA PRO A 146 7.10 -13.89 -4.12
C PRO A 146 7.24 -13.19 -2.79
N VAL A 147 8.16 -13.66 -1.97
CA VAL A 147 8.32 -13.11 -0.63
C VAL A 147 8.89 -11.72 -0.70
N ALA A 148 9.86 -11.54 -1.58
CA ALA A 148 10.52 -10.25 -1.75
C ALA A 148 9.60 -9.21 -2.35
N THR A 149 8.68 -9.64 -3.23
CA THR A 149 7.91 -8.71 -4.04
C THR A 149 6.43 -8.56 -3.68
N VAL A 150 5.87 -9.50 -2.93
CA VAL A 150 4.43 -9.47 -2.61
C VAL A 150 3.94 -8.08 -2.17
N SER A 151 4.70 -7.41 -1.31
CA SER A 151 4.25 -6.10 -0.81
C SER A 151 4.21 -5.01 -1.89
N LEU A 152 4.80 -5.25 -3.06
CA LEU A 152 4.65 -4.31 -4.15
C LEU A 152 3.18 -4.16 -4.61
N THR A 153 2.33 -5.11 -4.21
CA THR A 153 0.88 -5.08 -4.45
C THR A 153 0.13 -3.96 -3.70
N ASP A 154 0.77 -3.33 -2.74
CA ASP A 154 0.15 -2.23 -2.02
C ASP A 154 1.22 -1.27 -1.50
N ALA A 155 2.16 -1.79 -0.73
CA ALA A 155 3.30 -0.98 -0.25
C ALA A 155 4.04 -0.30 -1.40
N GLY A 156 4.12 -0.98 -2.55
CA GLY A 156 4.62 -0.36 -3.78
C GLY A 156 3.55 0.35 -4.58
N LEU A 157 2.46 -0.36 -4.88
CA LEU A 157 1.41 0.12 -5.79
C LEU A 157 0.86 1.49 -5.37
N THR A 158 0.52 1.60 -4.09
CA THR A 158 -0.14 2.78 -3.58
C THR A 158 0.70 4.04 -3.74
N PRO A 159 1.94 4.07 -3.21
CA PRO A 159 2.72 5.28 -3.43
C PRO A 159 3.14 5.52 -4.90
N TYR A 160 3.42 4.46 -5.64
CA TYR A 160 3.68 4.60 -7.08
C TYR A 160 2.56 5.36 -7.75
N HIS A 161 1.32 4.96 -7.44
CA HIS A 161 0.14 5.63 -7.93
C HIS A 161 0.11 7.12 -7.57
N ALA A 162 0.44 7.42 -6.31
CA ALA A 162 0.46 8.80 -5.83
C ALA A 162 1.53 9.60 -6.56
N ILE A 163 2.65 8.95 -6.87
CA ILE A 163 3.80 9.62 -7.47
C ILE A 163 3.53 9.89 -8.94
N VAL A 164 3.08 8.86 -9.65
CA VAL A 164 2.69 9.02 -11.04
C VAL A 164 1.69 10.15 -11.22
N SER A 165 0.67 10.22 -10.36
CA SER A 165 -0.31 11.31 -10.41
C SER A 165 0.33 12.65 -10.25
N SER A 166 1.42 12.71 -9.47
CA SER A 166 2.07 13.97 -9.13
C SER A 166 3.19 14.39 -10.07
N LEU A 167 3.57 13.55 -11.04
CA LEU A 167 4.78 13.81 -11.84
C LEU A 167 4.76 15.13 -12.59
N GLY A 168 3.60 15.55 -13.08
CA GLY A 168 3.47 16.83 -13.74
C GLY A 168 3.92 17.98 -12.87
N ALA A 169 3.72 17.84 -11.55
CA ALA A 169 4.08 18.88 -10.61
C ALA A 169 5.42 18.61 -9.94
N LEU A 170 6.14 17.58 -10.40
CA LEU A 170 7.49 17.28 -9.94
C LEU A 170 8.46 17.30 -11.11
N PRO A 171 8.82 18.49 -11.57
CA PRO A 171 9.84 18.43 -12.61
C PRO A 171 11.14 17.94 -11.98
N PRO A 172 12.04 17.41 -12.79
CA PRO A 172 13.39 17.17 -12.34
C PRO A 172 14.02 18.43 -11.79
N GLY A 173 14.69 18.29 -10.64
CA GLY A 173 15.22 19.44 -9.94
C GLY A 173 14.26 20.08 -8.96
N GLY A 174 13.04 19.56 -8.85
CA GLY A 174 12.10 19.98 -7.80
C GLY A 174 12.33 19.09 -6.58
N THR A 175 11.58 19.32 -5.51
CA THR A 175 11.80 18.60 -4.28
C THR A 175 10.52 17.87 -3.86
N ALA A 176 10.68 16.59 -3.53
CA ALA A 176 9.60 15.79 -3.01
C ALA A 176 9.87 15.45 -1.55
N VAL A 177 8.88 15.64 -0.71
CA VAL A 177 8.98 15.32 0.71
C VAL A 177 8.16 14.07 1.00
N VAL A 178 8.77 13.11 1.70
CA VAL A 178 8.04 11.90 2.10
C VAL A 178 7.95 11.86 3.62
N ILE A 179 6.74 11.91 4.15
CA ILE A 179 6.54 11.89 5.59
C ILE A 179 6.14 10.49 5.99
N GLY A 180 7.10 9.75 6.53
CA GLY A 180 6.89 8.38 7.00
C GLY A 180 7.64 7.41 6.11
N ALA A 181 8.63 6.73 6.67
CA ALA A 181 9.48 5.83 5.89
C ALA A 181 9.22 4.36 6.25
N GLY A 182 7.95 4.01 6.47
CA GLY A 182 7.56 2.64 6.86
C GLY A 182 7.36 1.72 5.66
N GLY A 183 6.35 0.84 5.75
CA GLY A 183 6.05 -0.11 4.67
C GLY A 183 5.93 0.58 3.32
N LEU A 184 5.00 1.52 3.21
CA LEU A 184 4.82 2.29 1.97
C LEU A 184 5.98 3.28 1.76
N GLY A 185 6.29 4.03 2.80
CA GLY A 185 7.33 5.06 2.76
C GLY A 185 8.67 4.62 2.21
N HIS A 186 9.19 3.49 2.70
CA HIS A 186 10.52 3.02 2.26
C HIS A 186 10.53 2.59 0.76
N VAL A 187 9.37 2.21 0.25
CA VAL A 187 9.24 1.96 -1.18
C VAL A 187 9.02 3.30 -1.92
N ALA A 188 8.24 4.20 -1.33
CA ALA A 188 7.98 5.51 -1.91
C ALA A 188 9.28 6.23 -2.27
N ILE A 189 10.22 6.23 -1.34
CA ILE A 189 11.52 6.84 -1.54
C ILE A 189 12.24 6.29 -2.77
N GLN A 190 12.27 4.97 -2.89
CA GLN A 190 12.93 4.32 -4.00
C GLN A 190 12.26 4.67 -5.32
N LEU A 191 10.93 4.74 -5.29
CA LEU A 191 10.17 4.98 -6.50
C LEU A 191 10.37 6.40 -7.01
N LEU A 192 10.51 7.35 -6.10
CA LEU A 192 10.79 8.74 -6.47
C LEU A 192 12.15 8.86 -7.15
N ARG A 193 13.10 8.03 -6.75
CA ARG A 193 14.43 8.02 -7.36
C ARG A 193 14.41 7.35 -8.73
N ALA A 194 13.73 6.20 -8.81
CA ALA A 194 13.61 5.45 -10.06
C ALA A 194 13.04 6.27 -11.24
N ILE A 195 11.94 6.98 -11.00
CA ILE A 195 11.15 7.62 -12.07
C ILE A 195 10.95 9.13 -11.95
N SER A 196 11.70 9.80 -11.11
CA SER A 196 11.74 11.27 -11.17
C SER A 196 13.17 11.76 -10.92
N GLY A 197 13.36 13.05 -11.13
CA GLY A 197 14.66 13.69 -10.96
C GLY A 197 14.65 14.52 -9.70
N ALA A 198 13.61 14.32 -8.91
CA ALA A 198 13.36 15.15 -7.75
C ALA A 198 14.31 14.78 -6.63
N THR A 199 14.65 15.80 -5.86
CA THR A 199 15.40 15.65 -4.63
C THR A 199 14.41 15.13 -3.59
N VAL A 200 14.80 14.09 -2.85
CA VAL A 200 13.90 13.48 -1.91
C VAL A 200 14.33 13.78 -0.48
N ILE A 201 13.40 14.37 0.26
CA ILE A 201 13.52 14.58 1.70
C ILE A 201 12.56 13.61 2.43
N ALA A 202 13.13 12.64 3.13
CA ALA A 202 12.34 11.71 3.96
C ALA A 202 12.27 12.16 5.43
N LEU A 203 11.17 11.79 6.09
CA LEU A 203 11.00 12.09 7.51
C LEU A 203 10.47 10.88 8.25
N ASP A 204 10.87 10.76 9.50
CA ASP A 204 10.38 9.70 10.40
C ASP A 204 10.76 10.09 11.84
N ILE A 205 10.54 9.19 12.79
CA ILE A 205 10.67 9.50 14.22
C ILE A 205 11.69 8.63 14.97
N SER A 206 12.30 7.66 14.28
CA SER A 206 13.44 6.88 14.80
C SER A 206 14.65 7.20 13.92
N ASP A 207 15.83 7.39 14.53
CA ASP A 207 17.09 7.48 13.78
C ASP A 207 17.31 6.25 12.92
N GLU A 208 16.99 5.11 13.48
CA GLU A 208 17.22 3.84 12.83
C GLU A 208 16.43 3.81 11.49
N LYS A 209 15.18 4.26 11.51
CA LYS A 209 14.36 4.26 10.31
C LYS A 209 14.81 5.33 9.31
N LEU A 210 15.27 6.46 9.83
CA LEU A 210 15.83 7.49 8.98
C LEU A 210 17.07 7.01 8.25
N GLN A 211 17.86 6.17 8.90
CA GLN A 211 19.11 5.66 8.32
C GLN A 211 18.81 4.74 7.13
N LEU A 212 17.77 3.93 7.26
CA LEU A 212 17.34 3.08 6.17
C LEU A 212 16.83 3.93 5.00
N ALA A 213 16.11 4.99 5.31
CA ALA A 213 15.63 5.93 4.32
C ALA A 213 16.77 6.56 3.52
N LYS A 214 17.82 6.99 4.21
CA LYS A 214 19.05 7.51 3.57
C LYS A 214 19.62 6.50 2.59
N GLU A 215 19.69 5.25 3.02
CA GLU A 215 20.31 4.21 2.23
C GLU A 215 19.48 3.86 1.03
N LEU A 216 18.17 3.96 1.19
CA LEU A 216 17.25 3.60 0.12
C LEU A 216 17.12 4.69 -0.96
N GLY A 217 17.74 5.84 -0.75
CA GLY A 217 17.81 6.87 -1.78
C GLY A 217 17.50 8.29 -1.34
N ALA A 218 17.07 8.51 -0.10
CA ALA A 218 16.72 9.88 0.35
C ALA A 218 17.94 10.80 0.41
N HIS A 219 17.89 11.88 -0.35
CA HIS A 219 18.98 12.86 -0.42
C HIS A 219 19.20 13.53 0.94
N HIS A 220 18.11 13.71 1.69
CA HIS A 220 18.15 14.34 3.01
C HIS A 220 17.13 13.65 3.92
N VAL A 221 17.50 13.41 5.17
CA VAL A 221 16.55 12.86 6.14
C VAL A 221 16.39 13.82 7.30
N LEU A 222 15.20 13.85 7.88
CA LEU A 222 14.88 14.78 8.97
C LEU A 222 13.96 14.15 9.96
N ARG A 223 14.20 14.43 11.23
CA ARG A 223 13.25 14.04 12.25
C ARG A 223 11.94 14.79 12.01
N SER A 224 10.84 14.09 12.22
CA SER A 224 9.53 14.66 12.04
C SER A 224 9.15 15.37 13.34
N ASP A 225 9.63 16.61 13.50
CA ASP A 225 9.39 17.40 14.73
C ASP A 225 9.12 18.88 14.42
N ASP A 226 9.18 19.75 15.43
CA ASP A 226 8.84 21.17 15.23
C ASP A 226 9.78 21.88 14.25
N ASP A 227 11.03 21.43 14.15
CA ASP A 227 12.02 22.04 13.24
C ASP A 227 11.84 21.66 11.77
N ALA A 228 11.11 20.58 11.51
CA ALA A 228 11.01 20.00 10.18
C ALA A 228 10.69 21.03 9.09
N ALA A 229 9.64 21.82 9.32
CA ALA A 229 9.18 22.80 8.32
C ALA A 229 10.26 23.81 7.90
N ALA A 230 10.94 24.38 8.88
CA ALA A 230 11.97 25.36 8.59
C ALA A 230 13.16 24.73 7.87
N ARG A 231 13.52 23.49 8.23
CA ARG A 231 14.65 22.83 7.59
C ARG A 231 14.29 22.54 6.13
N ILE A 232 13.06 22.13 5.89
CA ILE A 232 12.54 21.91 4.54
C ILE A 232 12.50 23.22 3.74
N ARG A 233 12.11 24.30 4.40
CA ARG A 233 12.15 25.62 3.78
C ARG A 233 13.60 25.98 3.40
N GLU A 234 14.54 25.86 4.35
CA GLU A 234 15.98 26.09 4.07
C GLU A 234 16.47 25.22 2.91
N LEU A 235 16.08 23.95 2.91
CA LEU A 235 16.54 22.99 1.89
C LEU A 235 16.02 23.30 0.50
N THR A 236 14.93 24.05 0.40
CA THR A 236 14.34 24.40 -0.90
C THR A 236 14.51 25.88 -1.29
N GLY A 237 15.42 26.60 -0.63
CA GLY A 237 15.58 28.04 -0.85
C GLY A 237 14.36 28.90 -0.47
N GLY A 238 13.52 28.39 0.43
CA GLY A 238 12.31 29.09 0.86
C GLY A 238 11.11 28.92 -0.05
N VAL A 239 11.31 28.24 -1.17
CA VAL A 239 10.25 28.02 -2.14
C VAL A 239 9.24 26.99 -1.63
N GLY A 240 9.73 25.98 -0.93
CA GLY A 240 8.88 24.88 -0.46
C GLY A 240 9.02 23.68 -1.38
N ALA A 241 8.26 22.63 -1.11
CA ALA A 241 8.34 21.40 -1.87
C ALA A 241 7.27 21.35 -2.96
N ALA A 242 7.69 21.01 -4.19
CA ALA A 242 6.78 20.85 -5.31
C ALA A 242 5.77 19.73 -5.02
N ALA A 243 6.19 18.71 -4.29
CA ALA A 243 5.31 17.61 -3.94
C ALA A 243 5.59 17.15 -2.54
N VAL A 244 4.51 16.78 -1.85
CA VAL A 244 4.61 16.23 -0.51
C VAL A 244 3.77 14.99 -0.47
N PHE A 245 4.35 13.91 0.00
CA PHE A 245 3.61 12.68 0.15
C PHE A 245 3.55 12.38 1.65
N ASP A 246 2.38 12.57 2.25
CA ASP A 246 2.19 12.27 3.65
C ASP A 246 1.70 10.83 3.80
N ILE A 247 2.59 9.94 4.24
CA ILE A 247 2.26 8.52 4.43
C ILE A 247 1.82 8.25 5.88
N VAL A 248 1.57 9.31 6.65
CA VAL A 248 1.02 9.16 8.00
C VAL A 248 -0.41 9.69 8.01
N GLY A 249 -0.55 10.96 7.62
CA GLY A 249 -1.85 11.58 7.43
C GLY A 249 -2.55 11.87 8.73
N ALA A 250 -1.75 12.21 9.75
CA ALA A 250 -2.30 12.67 11.02
C ALA A 250 -2.44 14.15 10.86
N GLN A 251 -3.13 14.78 11.80
CA GLN A 251 -3.38 16.20 11.65
C GLN A 251 -2.06 16.94 11.61
N ALA A 252 -1.11 16.53 12.46
CA ALA A 252 0.18 17.23 12.61
C ALA A 252 1.07 17.09 11.37
N THR A 253 1.06 15.90 10.76
CA THR A 253 1.83 15.63 9.52
C THR A 253 1.19 16.32 8.35
N ILE A 254 -0.13 16.38 8.36
CA ILE A 254 -0.87 17.16 7.38
C ILE A 254 -0.58 18.65 7.59
N ASP A 255 -0.49 19.10 8.84
CA ASP A 255 -0.18 20.51 9.10
C ASP A 255 1.19 20.84 8.54
N LEU A 256 2.14 19.94 8.79
CA LEU A 256 3.49 20.08 8.23
C LEU A 256 3.48 20.19 6.69
N ALA A 257 2.70 19.31 6.06
CA ALA A 257 2.55 19.29 4.61
C ALA A 257 2.04 20.60 4.05
N ARG A 258 1.06 21.18 4.75
CA ARG A 258 0.52 22.47 4.35
C ARG A 258 1.53 23.62 4.43
N SER A 259 2.44 23.58 5.42
CA SER A 259 3.40 24.69 5.61
C SER A 259 4.56 24.63 4.66
N VAL A 260 4.76 23.50 3.99
CA VAL A 260 5.96 23.35 3.16
C VAL A 260 5.70 23.17 1.67
N VAL A 261 4.48 22.80 1.28
CA VAL A 261 4.13 22.72 -0.14
C VAL A 261 4.25 24.07 -0.86
N ALA A 262 4.79 24.01 -2.08
CA ALA A 262 5.16 25.21 -2.80
C ALA A 262 3.96 25.75 -3.55
N ILE A 263 4.07 26.98 -4.03
CA ILE A 263 3.10 27.51 -4.98
C ILE A 263 3.03 26.54 -6.18
N GLY A 264 1.82 26.14 -6.55
CA GLY A 264 1.63 25.21 -7.66
C GLY A 264 1.99 23.77 -7.37
N GLY A 265 2.23 23.44 -6.10
CA GLY A 265 2.65 22.11 -5.72
C GLY A 265 1.47 21.17 -5.51
N VAL A 266 1.73 20.01 -4.91
CA VAL A 266 0.72 18.99 -4.72
C VAL A 266 0.99 18.24 -3.43
N VAL A 267 -0.07 17.89 -2.71
CA VAL A 267 0.03 17.07 -1.52
C VAL A 267 -0.78 15.81 -1.76
N GLN A 268 -0.15 14.65 -1.65
CA GLN A 268 -0.88 13.38 -1.67
C GLN A 268 -0.96 12.87 -0.25
N ILE A 269 -2.17 12.87 0.31
CA ILE A 269 -2.40 12.35 1.64
C ILE A 269 -2.62 10.86 1.51
N VAL A 270 -1.56 10.09 1.76
CA VAL A 270 -1.58 8.67 1.51
C VAL A 270 -1.94 7.94 2.78
N GLY A 271 -1.40 8.38 3.90
CA GLY A 271 -1.63 7.72 5.18
C GLY A 271 -2.99 8.07 5.76
N ILE A 272 -3.60 7.09 6.41
CA ILE A 272 -4.92 7.24 7.01
C ILE A 272 -4.70 7.42 8.51
N GLY A 273 -4.75 8.66 8.97
CA GLY A 273 -4.45 8.95 10.36
C GLY A 273 -5.33 9.98 11.04
N GLY A 274 -6.54 10.20 10.50
CA GLY A 274 -7.58 11.02 11.15
C GLY A 274 -7.65 12.51 10.84
N GLY A 275 -6.70 13.03 10.08
CA GLY A 275 -6.67 14.46 9.78
C GLY A 275 -7.35 14.82 8.47
N THR A 276 -7.51 16.12 8.28
CA THR A 276 -7.89 16.70 7.00
C THR A 276 -7.05 17.94 6.77
N LEU A 277 -6.79 18.27 5.51
CA LEU A 277 -6.01 19.46 5.18
C LEU A 277 -6.96 20.53 4.70
N PRO A 278 -7.01 21.67 5.39
CA PRO A 278 -7.95 22.70 4.96
C PRO A 278 -7.46 23.36 3.67
N THR A 279 -8.01 22.91 2.55
CA THR A 279 -7.61 23.40 1.23
C THR A 279 -8.46 24.61 0.82
N GLY A 280 -7.79 25.71 0.45
CA GLY A 280 -8.48 26.94 0.02
C GLY A 280 -7.62 28.19 0.14
N PHE A 281 -8.14 29.34 -0.30
CA PHE A 281 -7.33 30.55 -0.37
C PHE A 281 -6.82 30.97 1.00
N PHE A 282 -5.54 31.34 1.04
CA PHE A 282 -4.80 31.69 2.28
C PHE A 282 -4.70 30.54 3.32
N SER A 283 -5.03 29.33 2.92
CA SER A 283 -4.80 28.16 3.74
C SER A 283 -3.76 27.30 3.02
N THR A 284 -4.05 26.91 1.79
CA THR A 284 -3.06 26.32 0.88
C THR A 284 -2.60 27.36 -0.12
N PRO A 285 -1.34 27.30 -0.56
CA PRO A 285 -0.86 28.28 -1.53
C PRO A 285 -1.58 28.23 -2.86
N MET A 286 -1.45 29.31 -3.61
CA MET A 286 -2.06 29.42 -4.92
C MET A 286 -1.64 28.26 -5.82
N GLY A 287 -2.60 27.61 -6.46
CA GLY A 287 -2.31 26.54 -7.40
C GLY A 287 -2.02 25.19 -6.76
N ALA A 288 -1.97 25.15 -5.43
CA ALA A 288 -1.62 23.91 -4.74
C ALA A 288 -2.83 23.00 -4.66
N ALA A 289 -2.62 21.73 -5.04
CA ALA A 289 -3.64 20.70 -5.10
C ALA A 289 -3.47 19.72 -3.96
N VAL A 290 -4.58 19.22 -3.43
CA VAL A 290 -4.53 18.25 -2.35
C VAL A 290 -5.46 17.10 -2.70
N ARG A 291 -5.00 15.89 -2.40
CA ARG A 291 -5.67 14.68 -2.83
C ARG A 291 -5.44 13.59 -1.81
N ALA A 292 -6.43 12.73 -1.59
CA ALA A 292 -6.24 11.55 -0.77
C ALA A 292 -6.43 10.33 -1.66
N PRO A 293 -5.36 9.84 -2.32
CA PRO A 293 -5.50 8.73 -3.26
C PRO A 293 -5.75 7.41 -2.55
N TYR A 294 -6.21 6.41 -3.30
CA TYR A 294 -6.48 5.08 -2.78
C TYR A 294 -5.88 4.04 -3.71
N TRP A 295 -4.98 3.23 -3.16
CA TRP A 295 -4.38 2.11 -3.87
C TRP A 295 -3.85 2.51 -5.28
N GLY A 296 -4.05 1.67 -6.30
CA GLY A 296 -3.64 2.03 -7.66
C GLY A 296 -4.26 1.18 -8.74
N THR A 297 -3.77 1.35 -9.96
CA THR A 297 -4.36 0.72 -11.14
C THR A 297 -3.70 -0.59 -11.50
N ARG A 298 -4.36 -1.31 -12.40
CA ARG A 298 -3.82 -2.57 -12.90
C ARG A 298 -2.51 -2.38 -13.62
N THR A 299 -2.45 -1.40 -14.52
CA THR A 299 -1.22 -1.10 -15.25
C THR A 299 -0.11 -0.72 -14.30
N GLU A 300 -0.43 0.10 -13.30
CA GLU A 300 0.55 0.54 -12.32
C GLU A 300 1.15 -0.64 -11.55
N LEU A 301 0.36 -1.65 -11.22
CA LEU A 301 0.89 -2.83 -10.52
C LEU A 301 1.94 -3.48 -11.37
N MET A 302 1.57 -3.74 -12.63
CA MET A 302 2.47 -4.37 -13.59
C MET A 302 3.76 -3.57 -13.70
N GLU A 303 3.61 -2.24 -13.71
CA GLU A 303 4.75 -1.36 -13.88
C GLU A 303 5.68 -1.44 -12.66
N VAL A 304 5.08 -1.51 -11.46
CA VAL A 304 5.86 -1.61 -10.24
C VAL A 304 6.62 -2.93 -10.22
N LEU A 305 5.96 -4.01 -10.65
CA LEU A 305 6.64 -5.29 -10.67
C LEU A 305 7.79 -5.28 -11.68
N ASP A 306 7.57 -4.65 -12.83
CA ASP A 306 8.62 -4.51 -13.84
C ASP A 306 9.83 -3.72 -13.33
N LEU A 307 9.58 -2.74 -12.46
CA LEU A 307 10.68 -2.05 -11.80
C LEU A 307 11.44 -2.98 -10.86
N ALA A 308 10.73 -3.90 -10.21
CA ALA A 308 11.40 -4.86 -9.34
C ALA A 308 12.33 -5.74 -10.17
N ARG A 309 11.80 -6.33 -11.26
CA ARG A 309 12.58 -7.11 -12.23
C ARG A 309 13.86 -6.40 -12.65
N ALA A 310 13.77 -5.10 -12.91
CA ALA A 310 14.92 -4.33 -13.37
C ALA A 310 15.85 -3.88 -12.24
N GLY A 311 15.58 -4.29 -11.00
CA GLY A 311 16.42 -3.95 -9.85
C GLY A 311 16.29 -2.51 -9.38
N ALA A 312 15.22 -1.83 -9.78
CA ALA A 312 15.10 -0.40 -9.52
C ALA A 312 14.41 -0.14 -8.19
N VAL A 313 13.67 -1.15 -7.70
CA VAL A 313 12.97 -1.06 -6.43
C VAL A 313 12.96 -2.43 -5.76
N HIS A 314 12.94 -2.43 -4.44
CA HIS A 314 12.81 -3.65 -3.67
C HIS A 314 12.16 -3.36 -2.32
N VAL A 315 11.65 -4.41 -1.68
CA VAL A 315 11.05 -4.32 -0.35
C VAL A 315 12.06 -4.84 0.69
N GLU A 316 12.28 -4.05 1.74
CA GLU A 316 13.02 -4.51 2.91
C GLU A 316 12.06 -5.33 3.78
N VAL A 317 12.29 -6.64 3.82
CA VAL A 317 11.33 -7.58 4.35
C VAL A 317 11.77 -8.07 5.72
N GLU A 318 10.80 -8.22 6.60
CA GLU A 318 11.01 -8.92 7.83
C GLU A 318 10.10 -10.15 7.82
N ARG A 319 10.72 -11.32 7.85
CA ARG A 319 10.01 -12.58 7.56
C ARG A 319 9.45 -13.26 8.82
N PHE A 320 8.24 -13.81 8.66
CA PHE A 320 7.50 -14.49 9.72
C PHE A 320 6.79 -15.75 9.21
N THR A 321 6.35 -16.58 10.16
CA THR A 321 5.46 -17.72 9.88
C THR A 321 4.02 -17.31 10.12
N LEU A 322 3.11 -18.18 9.70
CA LEU A 322 1.71 -17.97 9.96
C LEU A 322 1.43 -17.82 11.47
N ASP A 323 2.01 -18.70 12.29
CA ASP A 323 1.78 -18.63 13.75
C ASP A 323 2.22 -17.30 14.37
N GLN A 324 3.23 -16.67 13.77
CA GLN A 324 3.76 -15.38 14.25
C GLN A 324 2.98 -14.14 13.75
N ALA A 325 1.94 -14.36 12.94
CA ALA A 325 1.22 -13.23 12.37
C ALA A 325 0.68 -12.29 13.46
N PRO A 326 -0.01 -12.82 14.47
CA PRO A 326 -0.40 -11.93 15.57
C PRO A 326 0.78 -11.18 16.19
N GLU A 327 1.84 -11.93 16.51
CA GLU A 327 3.04 -11.32 17.07
C GLU A 327 3.53 -10.17 16.16
N ALA A 328 3.63 -10.45 14.85
CA ALA A 328 4.08 -9.47 13.87
C ALA A 328 3.21 -8.20 13.83
N TYR A 329 1.89 -8.37 13.97
CA TYR A 329 0.96 -7.25 14.02
C TYR A 329 1.20 -6.41 15.26
N ARG A 330 1.47 -7.05 16.39
CA ARG A 330 1.83 -6.32 17.60
C ARG A 330 3.06 -5.46 17.37
N ARG A 331 4.07 -6.03 16.71
CA ARG A 331 5.31 -5.32 16.38
C ARG A 331 5.05 -4.11 15.50
N LEU A 332 4.17 -4.29 14.52
CA LEU A 332 3.83 -3.22 13.58
C LEU A 332 3.15 -2.04 14.29
N HIS A 333 2.23 -2.31 15.19
CA HIS A 333 1.60 -1.26 15.98
C HIS A 333 2.62 -0.53 16.86
N ALA A 334 3.58 -1.28 17.41
CA ALA A 334 4.62 -0.71 18.29
C ALA A 334 5.72 0.02 17.53
N GLY A 335 5.79 -0.17 16.21
CA GLY A 335 6.76 0.54 15.37
C GLY A 335 8.12 -0.12 15.31
N THR A 336 8.15 -1.44 15.53
CA THR A 336 9.42 -2.20 15.50
C THR A 336 9.46 -3.20 14.34
N ILE A 337 8.88 -2.80 13.21
CA ILE A 337 9.10 -3.49 11.94
C ILE A 337 10.00 -2.64 11.05
N ARG A 338 11.01 -3.30 10.49
CA ARG A 338 11.92 -2.68 9.54
C ARG A 338 11.42 -2.99 8.13
N GLY A 339 10.84 -1.97 7.49
CA GLY A 339 10.21 -2.12 6.19
C GLY A 339 8.85 -2.79 6.29
N ARG A 340 8.74 -3.97 5.68
CA ARG A 340 7.48 -4.70 5.58
C ARG A 340 7.53 -6.08 6.26
N ALA A 341 6.54 -6.34 7.10
CA ALA A 341 6.32 -7.67 7.64
C ALA A 341 5.66 -8.55 6.58
N VAL A 342 6.26 -9.70 6.27
CA VAL A 342 5.72 -10.62 5.27
C VAL A 342 5.62 -12.00 5.89
N VAL A 343 4.46 -12.64 5.77
CA VAL A 343 4.23 -13.98 6.29
C VAL A 343 4.34 -15.01 5.18
N VAL A 344 5.00 -16.14 5.47
CA VAL A 344 5.05 -17.28 4.56
C VAL A 344 4.36 -18.46 5.25
N PRO A 345 3.17 -18.86 4.78
CA PRO A 345 2.37 -19.83 5.56
C PRO A 345 2.95 -21.25 5.60
PA NAD B . 3.99 1.25 8.71
O1A NAD B . 3.56 0.91 10.13
O2A NAD B . 4.67 0.21 7.84
O5B NAD B . 4.90 2.56 8.68
C5B NAD B . 4.53 3.71 9.42
C4B NAD B . 5.73 4.64 9.44
O4B NAD B . 5.30 5.96 9.76
C3B NAD B . 6.77 4.25 10.49
O3B NAD B . 8.06 4.22 9.88
C2B NAD B . 6.63 5.32 11.55
O2B NAD B . 7.84 5.58 12.27
C1B NAD B . 6.23 6.51 10.69
N9A NAD B . 5.60 7.63 11.42
C8A NAD B . 4.63 7.58 12.36
N7A NAD B . 4.31 8.84 12.79
C5A NAD B . 5.08 9.69 12.10
C6A NAD B . 5.26 11.15 12.04
N6A NAD B . 4.54 11.97 12.83
N1A NAD B . 6.18 11.65 11.18
C2A NAD B . 6.92 10.86 10.39
N3A NAD B . 6.79 9.51 10.39
C4A NAD B . 5.91 8.89 11.20
O3 NAD B . 2.64 1.72 7.98
PN NAD B . 2.37 1.41 6.43
O1N NAD B . 1.95 -0.02 6.23
O2N NAD B . 3.55 1.95 5.63
O5D NAD B . 1.07 2.36 6.20
C5D NAD B . 1.19 3.77 6.42
C4D NAD B . -0.15 4.49 6.24
O4D NAD B . -0.61 4.32 4.90
C3D NAD B . -1.23 3.94 7.16
O3D NAD B . -1.99 5.02 7.73
C2D NAD B . -2.04 3.03 6.25
O2D NAD B . -3.37 2.81 6.71
C1D NAD B . -1.96 3.83 4.96
N1N NAD B . -2.24 3.13 3.71
C2N NAD B . -2.98 3.79 2.81
C3N NAD B . -3.30 3.22 1.58
C7N NAD B . -4.13 3.99 0.60
O7N NAD B . -4.71 3.38 -0.28
N7N NAD B . -4.20 5.32 0.69
C4N NAD B . -2.84 1.95 1.27
C5N NAD B . -2.06 1.29 2.22
C6N NAD B . -1.77 1.91 3.43
ZN ZN C . -2.98 -1.73 2.72
ZN ZN D . -16.22 -0.35 -12.12
#